data_1X99
#
_entry.id   1X99
#
_cell.length_a   59.153
_cell.length_b   59.153
_cell.length_c   149.663
_cell.angle_alpha   90.00
_cell.angle_beta   90.00
_cell.angle_gamma   120.00
#
_symmetry.space_group_name_H-M   'P 32 2 1'
#
loop_
_entity.id
_entity.type
_entity.pdbx_description
1 polymer lectin
2 non-polymer 'SULFATE ION'
3 non-polymer 1,2-ETHANEDIOL
4 water water
#
_entity_poly.entity_id   1
_entity_poly.type   'polypeptide(L)'
_entity_poly.pdbx_seq_one_letter_code
;GH(MSE)SYSITLRVYQTNRDRGYFSIVEKTVWHFANGGTWSEANGAHTLT(MSE)GGSGTSG(MSE)LRF(MSE)STKG
ERITVAVGVHNYKRWCDVVTGLKPDETALVINPQYYNNGGRDYVREKQLAEYSVTSAIGTKVEVVYTVAEGNNLEANVIF
S
;
_entity_poly.pdbx_strand_id   A,B
#
loop_
_chem_comp.id
_chem_comp.type
_chem_comp.name
_chem_comp.formula
EDO non-polymer 1,2-ETHANEDIOL 'C2 H6 O2'
SO4 non-polymer 'SULFATE ION' 'O4 S -2'
#
# COMPACT_ATOMS: atom_id res chain seq x y z
N GLY A 1 19.52 -18.32 8.24
CA GLY A 1 18.68 -17.69 7.17
C GLY A 1 19.29 -16.41 6.64
N HIS A 2 18.47 -15.61 5.96
CA HIS A 2 18.89 -14.31 5.45
C HIS A 2 18.70 -13.22 6.50
N MSE A 3 19.57 -12.22 6.46
CA MSE A 3 19.42 -11.05 7.32
C MSE A 3 18.24 -10.22 6.86
O MSE A 3 18.12 -9.87 5.68
CB MSE A 3 20.66 -10.18 7.27
CG MSE A 3 21.94 -10.85 7.67
SE MSE A 3 23.26 -9.47 7.93
CE MSE A 3 22.77 -9.18 9.75
N SER A 4 17.39 -9.86 7.82
CA SER A 4 16.30 -8.92 7.59
C SER A 4 16.78 -7.48 7.75
N TYR A 5 16.09 -6.56 7.08
CA TYR A 5 16.36 -5.13 7.19
C TYR A 5 15.06 -4.41 7.50
N SER A 6 15.13 -3.38 8.32
CA SER A 6 14.00 -2.51 8.59
C SER A 6 14.39 -1.06 8.31
N ILE A 7 13.45 -0.26 7.82
CA ILE A 7 13.63 1.19 7.64
C ILE A 7 12.46 1.87 8.32
N THR A 8 12.76 2.77 9.25
CA THR A 8 11.74 3.51 10.00
C THR A 8 11.75 4.96 9.58
N LEU A 9 10.59 5.46 9.14
CA LEU A 9 10.44 6.82 8.59
C LEU A 9 9.59 7.68 9.51
N ARG A 10 10.03 8.92 9.74
CA ARG A 10 9.23 9.92 10.45
C ARG A 10 9.06 11.11 9.50
N VAL A 11 7.84 11.64 9.44
CA VAL A 11 7.48 12.70 8.51
C VAL A 11 7.44 14.07 9.18
N TYR A 12 8.16 15.02 8.61
CA TYR A 12 8.21 16.41 9.05
C TYR A 12 7.58 17.25 7.97
N GLN A 13 6.57 18.02 8.33
CA GLN A 13 5.90 18.91 7.40
C GLN A 13 6.12 20.30 7.95
N THR A 14 6.67 21.18 7.13
CA THR A 14 7.18 22.46 7.63
C THR A 14 6.56 23.71 7.03
N ASN A 15 5.86 23.57 5.90
CA ASN A 15 5.40 24.75 5.17
C ASN A 15 3.91 24.66 4.90
N ARG A 16 3.13 25.48 5.59
CA ARG A 16 1.67 25.45 5.43
C ARG A 16 1.23 25.75 3.96
N ASP A 17 2.04 26.49 3.22
CA ASP A 17 1.72 26.79 1.81
C ASP A 17 1.66 25.56 0.90
N ARG A 18 2.29 24.46 1.30
CA ARG A 18 2.24 23.24 0.50
C ARG A 18 1.00 22.42 0.77
N GLY A 19 0.09 22.91 1.61
CA GLY A 19 -0.96 22.05 2.11
C GLY A 19 -0.39 20.99 3.03
N TYR A 20 -1.24 20.07 3.44
CA TYR A 20 -0.88 19.06 4.41
C TYR A 20 -0.92 17.70 3.73
N PHE A 21 0.17 16.95 3.86
CA PHE A 21 0.27 15.63 3.24
C PHE A 21 -0.21 14.51 4.15
N SER A 22 -0.87 13.51 3.57
CA SER A 22 -1.19 12.28 4.28
C SER A 22 -0.90 11.10 3.37
N ILE A 23 -0.67 9.94 3.98
CA ILE A 23 -0.37 8.73 3.23
C ILE A 23 -1.65 8.20 2.61
N VAL A 24 -1.57 7.88 1.32
CA VAL A 24 -2.70 7.36 0.56
C VAL A 24 -2.48 5.95 0.02
N GLU A 25 -1.26 5.41 0.17
CA GLU A 25 -0.92 4.08 -0.34
C GLU A 25 0.38 3.64 0.29
N LYS A 26 0.53 2.34 0.52
CA LYS A 26 1.77 1.76 1.08
C LYS A 26 2.00 0.44 0.37
N THR A 27 3.10 0.31 -0.36
CA THR A 27 3.40 -0.91 -1.12
C THR A 27 4.69 -1.56 -0.67
N VAL A 28 4.80 -2.86 -0.96
CA VAL A 28 6.02 -3.63 -0.72
C VAL A 28 6.34 -4.47 -1.96
N TRP A 29 7.58 -4.36 -2.42
CA TRP A 29 8.07 -5.12 -3.56
C TRP A 29 8.36 -6.57 -3.14
N HIS A 30 8.26 -7.49 -4.10
CA HIS A 30 8.20 -8.91 -3.80
C HIS A 30 9.52 -9.68 -3.79
N PHE A 31 10.63 -9.02 -4.10
CA PHE A 31 11.94 -9.69 -3.98
C PHE A 31 12.27 -9.89 -2.50
N ALA A 32 13.27 -10.75 -2.26
CA ALA A 32 13.85 -10.93 -0.92
C ALA A 32 12.82 -11.31 0.14
N ASN A 33 11.85 -12.13 -0.26
CA ASN A 33 10.79 -12.60 0.62
C ASN A 33 9.83 -11.50 1.09
N GLY A 34 9.75 -10.41 0.33
CA GLY A 34 8.77 -9.37 0.62
C GLY A 34 9.01 -8.63 1.92
N GLY A 35 7.92 -8.20 2.54
CA GLY A 35 7.99 -7.40 3.75
C GLY A 35 6.64 -6.81 4.09
N THR A 36 6.62 -5.98 5.12
CA THR A 36 5.37 -5.40 5.66
C THR A 36 5.64 -4.02 6.20
N TRP A 37 4.62 -3.15 6.11
CA TRP A 37 4.61 -1.87 6.80
C TRP A 37 3.90 -1.99 8.15
N SER A 38 4.38 -1.24 9.12
CA SER A 38 3.73 -1.11 10.42
C SER A 38 3.82 0.34 10.86
N GLU A 39 3.00 0.70 11.84
CA GLU A 39 2.97 2.06 12.38
C GLU A 39 3.14 2.00 13.89
N ALA A 40 4.01 2.83 14.44
CA ALA A 40 4.19 2.94 15.90
C ALA A 40 4.77 4.27 16.30
N ASN A 41 4.31 4.82 17.42
CA ASN A 41 4.85 6.09 17.92
C ASN A 41 4.92 7.19 16.84
N GLY A 42 3.96 7.17 15.92
CA GLY A 42 3.91 8.13 14.83
C GLY A 42 4.93 7.96 13.70
N ALA A 43 5.65 6.83 13.70
CA ALA A 43 6.65 6.47 12.69
C ALA A 43 6.16 5.28 11.87
N HIS A 44 6.73 5.13 10.67
CA HIS A 44 6.33 4.09 9.73
C HIS A 44 7.51 3.20 9.47
N THR A 45 7.36 1.91 9.77
CA THR A 45 8.46 0.97 9.61
C THR A 45 8.15 -0.04 8.52
N LEU A 46 9.08 -0.13 7.58
CA LEU A 46 9.08 -1.17 6.56
C LEU A 46 10.05 -2.25 7.00
N THR A 47 9.54 -3.47 7.19
CA THR A 47 10.38 -4.61 7.54
C THR A 47 10.46 -5.52 6.33
N MSE A 48 11.66 -5.91 5.94
CA MSE A 48 11.90 -6.66 4.72
C MSE A 48 12.62 -7.98 4.99
O MSE A 48 13.45 -8.06 5.90
CB MSE A 48 12.72 -5.83 3.75
CG MSE A 48 11.98 -4.62 3.20
SE MSE A 48 13.15 -3.26 2.46
CE MSE A 48 13.81 -2.56 4.20
N GLY A 49 12.35 -8.99 4.17
CA GLY A 49 12.89 -10.33 4.40
C GLY A 49 14.34 -10.52 4.04
N GLY A 50 14.96 -9.52 3.43
CA GLY A 50 16.36 -9.60 3.04
C GLY A 50 16.75 -8.35 2.29
N SER A 51 18.04 -8.21 2.02
CA SER A 51 18.54 -7.19 1.12
C SER A 51 18.00 -7.48 -0.28
N GLY A 52 17.67 -6.41 -0.99
CA GLY A 52 17.26 -6.51 -2.38
C GLY A 52 15.80 -6.22 -2.67
N THR A 53 15.11 -5.65 -1.69
CA THR A 53 13.74 -5.22 -1.94
C THR A 53 13.50 -3.83 -1.39
N SER A 54 12.24 -3.42 -1.34
CA SER A 54 11.89 -2.03 -1.06
C SER A 54 10.41 -1.91 -0.82
N GLY A 55 10.02 -0.70 -0.45
CA GLY A 55 8.61 -0.35 -0.32
C GLY A 55 8.44 1.13 -0.54
N MSE A 56 7.19 1.53 -0.62
CA MSE A 56 6.88 2.90 -0.98
C MSE A 56 5.73 3.42 -0.17
O MSE A 56 4.80 2.68 0.13
CB MSE A 56 6.48 2.90 -2.42
CG MSE A 56 7.53 3.52 -3.35
CG MSE A 56 6.73 4.16 -3.20
SE MSE A 56 7.15 3.32 -5.22
SE MSE A 56 5.87 4.05 -4.91
CE MSE A 56 5.52 4.02 -5.06
CE MSE A 56 7.49 3.87 -5.82
N LEU A 57 5.79 4.70 0.17
CA LEU A 57 4.66 5.46 0.67
C LEU A 57 4.27 6.48 -0.40
N ARG A 58 3.01 6.51 -0.78
CA ARG A 58 2.51 7.60 -1.61
C ARG A 58 1.72 8.55 -0.73
N PHE A 59 1.99 9.84 -0.91
CA PHE A 59 1.36 10.93 -0.17
C PHE A 59 0.52 11.78 -1.11
N MSE A 60 -0.56 12.33 -0.57
CA MSE A 60 -1.32 13.35 -1.27
C MSE A 60 -1.60 14.50 -0.32
O MSE A 60 -1.96 14.26 0.85
CB MSE A 60 -2.62 12.79 -1.84
CG MSE A 60 -3.37 13.83 -2.70
SE MSE A 60 -4.85 13.14 -3.72
CE MSE A 60 -6.05 12.85 -2.33
N SER A 61 -1.44 15.73 -0.80
CA SER A 61 -1.73 16.89 0.03
C SER A 61 -3.19 17.30 -0.07
N THR A 62 -3.59 18.17 0.87
CA THR A 62 -4.89 18.83 0.85
C THR A 62 -5.10 19.70 -0.38
N LYS A 63 -4.01 20.00 -1.11
CA LYS A 63 -4.08 20.70 -2.40
C LYS A 63 -3.97 19.76 -3.61
N GLY A 64 -4.02 18.46 -3.36
CA GLY A 64 -4.05 17.48 -4.45
C GLY A 64 -2.73 17.15 -5.10
N GLU A 65 -1.62 17.47 -4.44
CA GLU A 65 -0.30 17.10 -4.95
C GLU A 65 0.04 15.70 -4.52
N ARG A 66 0.49 14.87 -5.46
CA ARG A 66 0.80 13.46 -5.22
C ARG A 66 2.30 13.22 -5.40
N ILE A 67 2.91 12.61 -4.38
CA ILE A 67 4.37 12.39 -4.32
C ILE A 67 4.61 11.01 -3.73
N THR A 68 5.59 10.27 -4.26
CA THR A 68 5.98 8.98 -3.66
C THR A 68 7.38 9.06 -3.08
N VAL A 69 7.55 8.32 -1.99
CA VAL A 69 8.85 8.12 -1.39
C VAL A 69 9.12 6.62 -1.41
N ALA A 70 10.28 6.22 -1.94
CA ALA A 70 10.69 4.83 -2.01
C ALA A 70 11.91 4.64 -1.16
N VAL A 71 11.94 3.56 -0.38
CA VAL A 71 13.11 3.23 0.44
C VAL A 71 13.34 1.74 0.33
N GLY A 72 14.60 1.33 0.40
CA GLY A 72 14.90 -0.09 0.37
C GLY A 72 16.37 -0.34 0.66
N VAL A 73 16.78 -1.58 0.43
CA VAL A 73 18.17 -1.98 0.61
C VAL A 73 18.63 -2.69 -0.66
N HIS A 74 19.75 -2.23 -1.19
CA HIS A 74 20.37 -2.77 -2.39
C HIS A 74 21.80 -3.16 -2.05
N ASN A 75 22.15 -4.42 -2.24
CA ASN A 75 23.49 -4.91 -1.91
C ASN A 75 23.94 -4.47 -0.52
N TYR A 76 23.02 -4.62 0.44
CA TYR A 76 23.29 -4.41 1.87
C TYR A 76 23.41 -2.96 2.29
N LYS A 77 23.11 -2.03 1.39
CA LYS A 77 23.15 -0.61 1.69
C LYS A 77 21.79 0.03 1.40
N ARG A 78 21.42 1.02 2.20
CA ARG A 78 20.14 1.68 2.00
C ARG A 78 20.09 2.45 0.69
N TRP A 79 18.88 2.63 0.18
CA TRP A 79 18.64 3.53 -0.92
C TRP A 79 17.33 4.27 -0.70
N CYS A 80 17.15 5.36 -1.45
CA CYS A 80 15.91 6.11 -1.42
C CYS A 80 15.73 6.89 -2.71
N ASP A 81 14.48 7.31 -2.93
CA ASP A 81 14.13 8.12 -4.10
C ASP A 81 12.80 8.80 -3.82
N VAL A 82 12.57 9.93 -4.47
CA VAL A 82 11.31 10.67 -4.39
C VAL A 82 10.86 10.96 -5.81
N VAL A 83 9.59 10.71 -6.11
CA VAL A 83 9.01 11.05 -7.40
C VAL A 83 7.87 12.03 -7.17
N THR A 84 7.93 13.17 -7.87
CA THR A 84 6.88 14.18 -7.77
C THR A 84 6.14 14.31 -9.08
N GLY A 85 5.12 15.16 -9.11
CA GLY A 85 4.39 15.44 -10.34
C GLY A 85 3.54 14.27 -10.81
N LEU A 86 3.09 13.43 -9.89
CA LEU A 86 2.37 12.22 -10.28
C LEU A 86 0.93 12.51 -10.67
N LYS A 87 0.49 11.88 -11.74
CA LYS A 87 -0.91 11.92 -12.18
C LYS A 87 -1.75 11.04 -11.24
N PRO A 88 -3.07 11.28 -11.19
CA PRO A 88 -3.94 10.47 -10.35
C PRO A 88 -3.81 8.95 -10.56
N ASP A 89 -3.57 8.52 -11.80
CA ASP A 89 -3.47 7.10 -12.09
C ASP A 89 -2.07 6.50 -11.91
N GLU A 90 -1.09 7.34 -11.56
CA GLU A 90 0.27 6.87 -11.32
C GLU A 90 0.38 6.47 -9.83
N THR A 91 -0.24 5.34 -9.50
CA THR A 91 -0.29 4.89 -8.12
C THR A 91 1.03 4.23 -7.74
N ALA A 92 1.22 3.99 -6.44
CA ALA A 92 2.44 3.34 -5.99
C ALA A 92 2.60 1.95 -6.61
N LEU A 93 1.48 1.31 -6.86
CA LEU A 93 1.48 0.03 -7.53
C LEU A 93 2.11 0.11 -8.94
N VAL A 94 1.98 1.25 -9.62
CA VAL A 94 2.63 1.52 -10.90
C VAL A 94 4.11 1.86 -10.72
N ILE A 95 4.42 2.68 -9.72
CA ILE A 95 5.78 3.23 -9.58
C ILE A 95 6.77 2.24 -8.94
N ASN A 96 6.35 1.49 -7.93
CA ASN A 96 7.31 0.65 -7.19
C ASN A 96 8.03 -0.35 -8.09
N PRO A 97 7.32 -1.00 -9.01
CA PRO A 97 8.00 -1.93 -9.94
C PRO A 97 9.02 -1.28 -10.89
N GLN A 98 8.94 0.04 -11.10
CA GLN A 98 9.82 0.71 -12.07
C GLN A 98 11.27 0.74 -11.63
N TYR A 99 11.54 0.44 -10.35
CA TYR A 99 12.90 0.38 -9.82
C TYR A 99 13.60 -0.94 -10.16
N TYR A 100 12.89 -1.90 -10.73
CA TYR A 100 13.42 -3.24 -10.97
C TYR A 100 13.20 -3.68 -12.40
N ASN A 101 13.94 -4.71 -12.81
CA ASN A 101 13.78 -5.32 -14.12
C ASN A 101 13.96 -4.30 -15.25
N ASN A 102 14.89 -3.36 -15.07
CA ASN A 102 15.16 -2.30 -16.07
C ASN A 102 13.90 -1.52 -16.39
N GLY A 103 13.23 -1.06 -15.34
CA GLY A 103 11.93 -0.40 -15.46
C GLY A 103 11.99 1.11 -15.53
N GLY A 104 13.20 1.67 -15.53
CA GLY A 104 13.39 3.10 -15.66
C GLY A 104 13.96 3.81 -14.45
N ARG A 105 13.87 3.18 -13.28
CA ARG A 105 14.38 3.80 -12.07
C ARG A 105 15.43 2.97 -11.34
N ASP A 106 15.87 1.88 -11.97
CA ASP A 106 16.89 1.00 -11.36
C ASP A 106 18.13 1.79 -11.00
N TYR A 107 18.49 2.75 -11.85
CA TYR A 107 19.71 3.53 -11.67
C TYR A 107 19.77 4.22 -10.30
N VAL A 108 18.65 4.78 -9.84
CA VAL A 108 18.71 5.51 -8.58
C VAL A 108 18.81 4.55 -7.40
N ARG A 109 18.14 3.41 -7.48
CA ARG A 109 18.29 2.35 -6.48
C ARG A 109 19.75 1.92 -6.37
N GLU A 110 20.39 1.75 -7.51
CA GLU A 110 21.77 1.26 -7.56
C GLU A 110 22.77 2.27 -6.98
N LYS A 111 22.39 3.54 -6.91
CA LYS A 111 23.21 4.57 -6.27
C LYS A 111 23.28 4.45 -4.76
N GLN A 112 22.35 3.73 -4.14
CA GLN A 112 22.40 3.48 -2.70
C GLN A 112 22.51 4.78 -1.92
N LEU A 113 21.62 5.73 -2.21
CA LEU A 113 21.71 7.06 -1.60
C LEU A 113 21.23 7.05 -0.16
N ALA A 114 21.97 7.77 0.69
CA ALA A 114 21.59 7.98 2.09
C ALA A 114 20.82 9.28 2.28
N GLU A 115 20.67 10.03 1.19
CA GLU A 115 19.85 11.24 1.21
C GLU A 115 19.42 11.57 -0.21
N TYR A 116 18.26 12.20 -0.32
CA TYR A 116 17.69 12.58 -1.61
C TYR A 116 16.90 13.85 -1.43
N SER A 117 16.96 14.75 -2.39
CA SER A 117 16.23 16.02 -2.35
C SER A 117 15.72 16.34 -3.75
N VAL A 118 14.48 16.79 -3.82
CA VAL A 118 13.91 17.27 -5.08
C VAL A 118 12.85 18.33 -4.79
N THR A 119 12.72 19.28 -5.72
CA THR A 119 11.65 20.27 -5.66
C THR A 119 10.71 20.01 -6.82
N SER A 120 9.43 19.84 -6.54
CA SER A 120 8.43 19.55 -7.57
C SER A 120 8.25 20.76 -8.48
N ALA A 121 7.62 20.53 -9.63
CA ALA A 121 7.40 21.60 -10.60
C ALA A 121 6.57 22.73 -10.01
N ILE A 122 5.71 22.43 -9.04
CA ILE A 122 4.88 23.43 -8.36
C ILE A 122 5.47 23.99 -7.07
N GLY A 123 6.74 23.64 -6.80
CA GLY A 123 7.52 24.30 -5.76
C GLY A 123 7.60 23.62 -4.41
N THR A 124 7.12 22.37 -4.30
CA THR A 124 7.21 21.62 -3.05
C THR A 124 8.53 20.89 -2.96
N LYS A 125 9.32 21.18 -1.93
CA LYS A 125 10.56 20.48 -1.72
C LYS A 125 10.33 19.25 -0.85
N VAL A 126 10.95 18.14 -1.23
CA VAL A 126 10.87 16.89 -0.47
C VAL A 126 12.29 16.37 -0.28
N GLU A 127 12.62 16.04 0.96
CA GLU A 127 13.92 15.47 1.30
C GLU A 127 13.72 14.16 2.04
N VAL A 128 14.54 13.16 1.72
CA VAL A 128 14.68 11.96 2.55
C VAL A 128 16.11 11.98 3.05
N VAL A 129 16.29 11.86 4.36
CA VAL A 129 17.63 11.88 4.95
C VAL A 129 17.72 10.76 5.96
N TYR A 130 18.61 9.80 5.72
CA TYR A 130 18.83 8.76 6.72
C TYR A 130 19.64 9.29 7.90
N THR A 131 19.09 9.10 9.09
CA THR A 131 19.75 9.47 10.35
C THR A 131 20.48 8.28 10.95
N VAL A 132 20.03 7.07 10.63
CA VAL A 132 20.81 5.85 10.88
C VAL A 132 20.95 5.20 9.50
N ALA A 133 22.16 5.30 8.95
CA ALA A 133 22.43 5.00 7.56
C ALA A 133 23.22 3.71 7.35
N GLU A 134 23.53 3.01 8.44
CA GLU A 134 24.27 1.75 8.37
C GLU A 134 23.56 0.70 9.20
N GLY A 135 23.82 -0.56 8.85
CA GLY A 135 23.28 -1.69 9.60
C GLY A 135 21.89 -2.11 9.15
N ASN A 136 21.22 -2.86 10.01
CA ASN A 136 19.98 -3.54 9.65
C ASN A 136 18.72 -2.86 10.19
N ASN A 137 18.89 -1.86 11.05
CA ASN A 137 17.79 -1.11 11.65
C ASN A 137 17.95 0.37 11.28
N LEU A 138 17.52 0.68 10.06
CA LEU A 138 17.80 2.00 9.47
C LEU A 138 16.69 2.99 9.81
N GLU A 139 17.04 4.28 9.83
CA GLU A 139 16.08 5.32 10.20
C GLU A 139 16.26 6.51 9.28
N ALA A 140 15.15 7.09 8.82
CA ALA A 140 15.20 8.28 7.98
C ALA A 140 14.07 9.24 8.26
N ASN A 141 14.35 10.51 8.02
CA ASN A 141 13.35 11.57 8.04
C ASN A 141 12.88 11.87 6.62
N VAL A 142 11.56 12.04 6.47
CA VAL A 142 10.96 12.54 5.23
C VAL A 142 10.49 13.95 5.53
N ILE A 143 10.98 14.93 4.78
CA ILE A 143 10.75 16.34 5.11
C ILE A 143 10.10 17.04 3.92
N PHE A 144 8.89 17.59 4.16
CA PHE A 144 8.19 18.41 3.16
C PHE A 144 8.40 19.87 3.50
N SER A 145 8.72 20.69 2.50
CA SER A 145 8.95 22.13 2.72
C SER A 145 8.68 22.93 1.47
N MSE B 3 -18.48 10.01 -12.56
CA MSE B 3 -18.58 10.28 -11.09
C MSE B 3 -17.59 9.42 -10.31
O MSE B 3 -17.30 8.29 -10.71
CB MSE B 3 -20.00 10.02 -10.60
N SER B 4 -17.08 9.96 -9.21
CA SER B 4 -16.18 9.21 -8.33
C SER B 4 -16.94 8.18 -7.49
N TYR B 5 -16.20 7.17 -7.03
CA TYR B 5 -16.73 6.13 -6.15
C TYR B 5 -15.90 6.05 -4.89
N SER B 6 -16.53 5.76 -3.77
CA SER B 6 -15.79 5.42 -2.55
C SER B 6 -16.32 4.16 -1.92
N ILE B 7 -15.43 3.41 -1.26
CA ILE B 7 -15.78 2.24 -0.48
C ILE B 7 -15.17 2.39 0.92
N THR B 8 -16.01 2.38 1.94
CA THR B 8 -15.54 2.53 3.31
C THR B 8 -15.66 1.22 4.06
N LEU B 9 -14.54 0.77 4.62
CA LEU B 9 -14.42 -0.52 5.29
C LEU B 9 -14.20 -0.37 6.78
N ARG B 10 -14.93 -1.13 7.57
CA ARG B 10 -14.71 -1.25 9.02
C ARG B 10 -14.34 -2.68 9.34
N VAL B 11 -13.35 -2.86 10.20
CA VAL B 11 -12.81 -4.18 10.52
C VAL B 11 -13.32 -4.69 11.88
N TYR B 12 -13.86 -5.91 11.87
CA TYR B 12 -14.30 -6.58 13.09
C TYR B 12 -13.43 -7.79 13.31
N GLN B 13 -12.75 -7.84 14.45
CA GLN B 13 -11.97 -9.01 14.81
C GLN B 13 -12.69 -9.64 15.98
N THR B 14 -13.02 -10.91 15.85
CA THR B 14 -13.92 -11.59 16.80
C THR B 14 -13.31 -12.78 17.55
N ASN B 15 -12.21 -13.32 17.05
CA ASN B 15 -11.62 -14.53 17.64
C ASN B 15 -10.30 -14.23 18.34
N ARG B 16 -10.30 -14.40 19.67
CA ARG B 16 -9.15 -14.02 20.50
C ARG B 16 -8.08 -15.11 20.58
N ASP B 17 -8.27 -16.20 19.84
CA ASP B 17 -7.35 -17.34 19.89
C ASP B 17 -6.53 -17.55 18.60
N ARG B 18 -6.97 -16.97 17.49
CA ARG B 18 -6.38 -17.24 16.18
C ARG B 18 -5.38 -16.18 15.69
N GLY B 19 -5.16 -15.13 16.48
CA GLY B 19 -4.18 -14.09 16.18
C GLY B 19 -4.87 -12.77 15.88
N TYR B 20 -4.18 -11.67 16.16
CA TYR B 20 -4.69 -10.33 15.94
C TYR B 20 -4.11 -9.74 14.65
N PHE B 21 -4.97 -9.22 13.80
CA PHE B 21 -4.58 -8.76 12.47
C PHE B 21 -4.31 -7.26 12.46
N SER B 22 -3.36 -6.84 11.64
CA SER B 22 -3.18 -5.43 11.34
C SER B 22 -2.84 -5.28 9.85
N ILE B 23 -3.13 -4.10 9.32
CA ILE B 23 -2.87 -3.81 7.91
C ILE B 23 -1.37 -3.60 7.71
N VAL B 24 -0.83 -4.27 6.70
CA VAL B 24 0.59 -4.19 6.37
C VAL B 24 0.87 -3.59 4.99
N GLU B 25 -0.17 -3.35 4.19
CA GLU B 25 0.01 -2.82 2.84
C GLU B 25 -1.36 -2.32 2.36
N LYS B 26 -1.37 -1.27 1.55
CA LYS B 26 -2.60 -0.73 0.96
C LYS B 26 -2.28 -0.31 -0.46
N THR B 27 -2.94 -0.90 -1.46
CA THR B 27 -2.66 -0.59 -2.87
C THR B 27 -3.87 -0.05 -3.59
N VAL B 28 -3.62 0.65 -4.69
CA VAL B 28 -4.68 1.12 -5.56
C VAL B 28 -4.30 0.80 -7.01
N TRP B 29 -5.25 0.20 -7.72
CA TRP B 29 -5.06 -0.11 -9.14
C TRP B 29 -5.23 1.16 -9.99
N HIS B 30 -4.60 1.17 -11.16
CA HIS B 30 -4.39 2.40 -11.93
C HIS B 30 -5.44 2.71 -13.00
N PHE B 31 -6.44 1.86 -13.18
CA PHE B 31 -7.54 2.18 -14.11
C PHE B 31 -8.40 3.29 -13.50
N ALA B 32 -9.26 3.88 -14.34
CA ALA B 32 -10.28 4.84 -13.89
C ALA B 32 -9.71 6.03 -13.13
N ASN B 33 -8.55 6.49 -13.56
CA ASN B 33 -7.86 7.63 -12.96
C ASN B 33 -7.38 7.35 -11.51
N GLY B 34 -7.21 6.08 -11.17
CA GLY B 34 -6.61 5.73 -9.88
C GLY B 34 -7.50 6.06 -8.69
N GLY B 35 -6.87 6.36 -7.56
CA GLY B 35 -7.57 6.51 -6.32
C GLY B 35 -6.63 6.57 -5.15
N THR B 36 -7.17 6.69 -3.95
CA THR B 36 -6.40 6.89 -2.73
C THR B 36 -7.09 6.26 -1.53
N TRP B 37 -6.30 5.78 -0.57
CA TRP B 37 -6.79 5.35 0.73
C TRP B 37 -6.71 6.48 1.74
N SER B 38 -7.67 6.52 2.64
CA SER B 38 -7.66 7.43 3.77
C SER B 38 -8.20 6.69 4.99
N GLU B 39 -7.99 7.28 6.16
CA GLU B 39 -8.44 6.69 7.42
C GLU B 39 -9.19 7.74 8.18
N ALA B 40 -10.35 7.36 8.72
CA ALA B 40 -11.13 8.28 9.55
C ALA B 40 -12.07 7.51 10.45
N ASN B 41 -12.16 7.95 11.70
CA ASN B 41 -13.12 7.40 12.65
C ASN B 41 -12.98 5.87 12.79
N GLY B 42 -11.76 5.36 12.64
CA GLY B 42 -11.49 3.93 12.72
C GLY B 42 -11.89 3.10 11.50
N ALA B 43 -12.22 3.76 10.39
CA ALA B 43 -12.57 3.10 9.13
C ALA B 43 -11.58 3.46 8.04
N HIS B 44 -11.57 2.65 6.98
CA HIS B 44 -10.66 2.83 5.85
C HIS B 44 -11.46 3.09 4.61
N THR B 45 -11.19 4.21 3.95
CA THR B 45 -11.94 4.59 2.75
C THR B 45 -11.05 4.61 1.53
N LEU B 46 -11.48 3.88 0.50
CA LEU B 46 -10.87 3.91 -0.81
C LEU B 46 -11.71 4.83 -1.70
N THR B 47 -11.09 5.90 -2.19
CA THR B 47 -11.74 6.83 -3.11
C THR B 47 -11.14 6.58 -4.49
N MSE B 48 -12.00 6.45 -5.50
CA MSE B 48 -11.59 6.10 -6.87
C MSE B 48 -12.16 7.10 -7.87
O MSE B 48 -13.26 7.64 -7.67
CB MSE B 48 -12.07 4.70 -7.20
CG MSE B 48 -11.38 3.61 -6.39
SE MSE B 48 -12.37 1.94 -6.37
CE MSE B 48 -13.76 2.49 -5.09
N GLY B 49 -11.43 7.33 -8.95
CA GLY B 49 -11.78 8.37 -9.92
C GLY B 49 -13.01 8.08 -10.75
N GLY B 50 -13.43 6.82 -10.78
CA GLY B 50 -14.63 6.41 -11.51
C GLY B 50 -14.80 4.92 -11.33
N SER B 51 -15.77 4.35 -12.04
CA SER B 51 -15.96 2.91 -12.08
C SER B 51 -14.84 2.27 -12.91
N GLY B 52 -14.42 1.07 -12.48
CA GLY B 52 -13.45 0.26 -13.23
C GLY B 52 -12.11 0.06 -12.57
N THR B 53 -11.98 0.40 -11.29
CA THR B 53 -10.74 0.14 -10.58
C THR B 53 -11.01 -0.44 -9.20
N SER B 54 -9.98 -0.53 -8.39
CA SER B 54 -10.04 -1.26 -7.12
C SER B 54 -8.85 -0.92 -6.26
N GLY B 55 -8.87 -1.43 -5.05
CA GLY B 55 -7.73 -1.34 -4.16
C GLY B 55 -7.75 -2.53 -3.23
N MSE B 56 -6.68 -2.64 -2.46
CA MSE B 56 -6.49 -3.81 -1.63
C MSE B 56 -5.88 -3.44 -0.30
O MSE B 56 -5.04 -2.55 -0.23
CB MSE B 56 -5.57 -4.75 -2.36
CG MSE B 56 -6.28 -6.08 -2.69
CG MSE B 56 -5.65 -6.20 -1.99
SE MSE B 56 -5.33 -7.30 -3.80
SE MSE B 56 -4.21 -7.16 -2.87
CE MSE B 56 -3.89 -7.24 -2.77
CE MSE B 56 -5.40 -8.08 -4.10
N LEU B 57 -6.33 -4.12 0.75
CA LEU B 57 -5.65 -4.12 2.05
C LEU B 57 -5.07 -5.50 2.27
N ARG B 58 -3.79 -5.56 2.63
CA ARG B 58 -3.19 -6.81 3.08
C ARG B 58 -3.04 -6.75 4.59
N PHE B 59 -3.41 -7.85 5.25
CA PHE B 59 -3.38 -7.97 6.68
C PHE B 59 -2.41 -9.07 7.07
N MSE B 60 -1.76 -8.89 8.21
CA MSE B 60 -0.96 -9.96 8.80
C MSE B 60 -1.31 -10.10 10.27
O MSE B 60 -1.47 -9.11 10.97
CB MSE B 60 0.54 -9.67 8.67
CG MSE B 60 1.40 -10.84 9.15
SE MSE B 60 3.29 -10.65 8.78
CE MSE B 60 3.68 -9.22 9.93
N SER B 61 -1.43 -11.34 10.74
CA SER B 61 -1.75 -11.57 12.15
C SER B 61 -0.48 -11.70 12.98
N THR B 62 -0.67 -11.64 14.30
CA THR B 62 0.40 -11.89 15.26
C THR B 62 0.97 -13.31 15.16
N LYS B 63 0.25 -14.21 14.49
CA LYS B 63 0.71 -15.58 14.24
C LYS B 63 1.28 -15.77 12.84
N GLY B 64 1.43 -14.66 12.11
CA GLY B 64 2.08 -14.68 10.80
C GLY B 64 1.18 -15.01 9.62
N GLU B 65 -0.13 -15.05 9.84
CA GLU B 65 -1.07 -15.34 8.74
C GLU B 65 -1.25 -14.10 7.89
N ARG B 66 -1.16 -14.25 6.57
CA ARG B 66 -1.25 -13.14 5.61
C ARG B 66 -2.44 -13.33 4.68
N ILE B 67 -3.27 -12.29 4.59
CA ILE B 67 -4.54 -12.34 3.87
C ILE B 67 -4.75 -11.00 3.16
N THR B 68 -5.27 -11.01 1.93
CA THR B 68 -5.65 -9.77 1.25
C THR B 68 -7.15 -9.66 1.07
N VAL B 69 -7.63 -8.42 1.16
CA VAL B 69 -9.01 -8.09 0.87
C VAL B 69 -8.98 -7.09 -0.29
N ALA B 70 -9.69 -7.41 -1.37
CA ALA B 70 -9.83 -6.55 -2.53
C ALA B 70 -11.25 -6.03 -2.61
N VAL B 71 -11.39 -4.74 -2.91
CA VAL B 71 -12.69 -4.13 -3.16
C VAL B 71 -12.57 -3.17 -4.33
N GLY B 72 -13.64 -3.06 -5.11
CA GLY B 72 -13.65 -2.12 -6.23
C GLY B 72 -15.02 -2.00 -6.84
N VAL B 73 -15.06 -1.33 -7.99
CA VAL B 73 -16.30 -1.16 -8.74
C VAL B 73 -16.04 -1.57 -10.17
N HIS B 74 -16.88 -2.46 -10.67
CA HIS B 74 -16.79 -2.99 -12.02
C HIS B 74 -18.11 -2.75 -12.72
N ASN B 75 -18.07 -2.03 -13.84
CA ASN B 75 -19.29 -1.65 -14.58
C ASN B 75 -20.37 -1.13 -13.63
N TYR B 76 -19.97 -0.20 -12.76
CA TYR B 76 -20.86 0.52 -11.84
C TYR B 76 -21.43 -0.29 -10.67
N LYS B 77 -20.95 -1.52 -10.48
CA LYS B 77 -21.37 -2.36 -9.35
C LYS B 77 -20.17 -2.74 -8.50
N ARG B 78 -20.38 -2.81 -7.19
CA ARG B 78 -19.28 -3.17 -6.29
C ARG B 78 -18.83 -4.61 -6.51
N TRP B 79 -17.57 -4.89 -6.18
CA TRP B 79 -17.08 -6.25 -6.13
C TRP B 79 -16.14 -6.40 -4.93
N CYS B 80 -15.87 -7.64 -4.57
CA CYS B 80 -14.91 -7.94 -3.51
C CYS B 80 -14.35 -9.35 -3.67
N ASP B 81 -13.23 -9.59 -2.98
CA ASP B 81 -12.61 -10.90 -2.93
C ASP B 81 -11.66 -10.95 -1.75
N VAL B 82 -11.41 -12.16 -1.27
CA VAL B 82 -10.44 -12.39 -0.20
C VAL B 82 -9.52 -13.53 -0.63
N VAL B 83 -8.22 -13.34 -0.46
CA VAL B 83 -7.22 -14.38 -0.76
C VAL B 83 -6.45 -14.68 0.52
N THR B 84 -6.40 -15.95 0.89
CA THR B 84 -5.71 -16.42 2.10
C THR B 84 -4.51 -17.30 1.75
N GLY B 85 -3.79 -17.70 2.80
CA GLY B 85 -2.64 -18.58 2.67
C GLY B 85 -1.48 -17.99 1.89
N LEU B 86 -1.30 -16.67 1.98
CA LEU B 86 -0.26 -15.99 1.21
C LEU B 86 1.13 -16.17 1.81
N LYS B 87 2.11 -16.35 0.92
CA LYS B 87 3.52 -16.39 1.29
C LYS B 87 4.02 -14.97 1.56
N PRO B 88 5.11 -14.83 2.30
CA PRO B 88 5.63 -13.48 2.57
C PRO B 88 5.89 -12.63 1.34
N ASP B 89 6.28 -13.24 0.22
CA ASP B 89 6.56 -12.47 -0.98
C ASP B 89 5.35 -12.23 -1.89
N GLU B 90 4.19 -12.73 -1.49
CA GLU B 90 2.97 -12.52 -2.27
C GLU B 90 2.32 -11.25 -1.72
N THR B 91 2.94 -10.12 -2.02
CA THR B 91 2.50 -8.83 -1.48
C THR B 91 1.27 -8.34 -2.25
N ALA B 92 0.64 -7.29 -1.74
CA ALA B 92 -0.53 -6.74 -2.41
C ALA B 92 -0.19 -6.24 -3.81
N LEU B 93 1.03 -5.76 -3.96
CA LEU B 93 1.54 -5.35 -5.24
C LEU B 93 1.54 -6.49 -6.28
N VAL B 94 1.70 -7.72 -5.80
CA VAL B 94 1.61 -8.92 -6.62
C VAL B 94 0.15 -9.30 -6.90
N ILE B 95 -0.71 -9.26 -5.88
CA ILE B 95 -2.06 -9.82 -6.00
C ILE B 95 -3.05 -8.87 -6.70
N ASN B 96 -2.98 -7.57 -6.40
CA ASN B 96 -3.96 -6.63 -6.96
C ASN B 96 -4.03 -6.66 -8.51
N PRO B 97 -2.90 -6.71 -9.22
CA PRO B 97 -2.96 -6.81 -10.68
C PRO B 97 -3.56 -8.10 -11.24
N GLN B 98 -3.64 -9.15 -10.43
CA GLN B 98 -4.15 -10.45 -10.88
C GLN B 98 -5.64 -10.43 -11.24
N TYR B 99 -6.35 -9.37 -10.84
CA TYR B 99 -7.76 -9.21 -11.16
C TYR B 99 -7.98 -8.58 -12.54
N TYR B 100 -6.91 -8.18 -13.21
CA TYR B 100 -7.02 -7.49 -14.49
C TYR B 100 -6.10 -8.11 -15.55
N ASN B 101 -6.36 -7.74 -16.79
CA ASN B 101 -5.56 -8.20 -17.93
C ASN B 101 -5.47 -9.72 -17.99
N ASN B 102 -6.57 -10.39 -17.67
CA ASN B 102 -6.61 -11.86 -17.62
C ASN B 102 -5.50 -12.41 -16.75
N GLY B 103 -5.40 -11.86 -15.54
CA GLY B 103 -4.33 -12.20 -14.61
C GLY B 103 -4.62 -13.38 -13.72
N GLY B 104 -5.78 -14.02 -13.90
CA GLY B 104 -6.12 -15.23 -13.13
C GLY B 104 -7.33 -15.06 -12.24
N ARG B 105 -7.61 -13.83 -11.82
CA ARG B 105 -8.74 -13.56 -10.92
C ARG B 105 -9.79 -12.62 -11.50
N ASP B 106 -9.70 -12.28 -12.78
CA ASP B 106 -10.67 -11.36 -13.41
C ASP B 106 -12.09 -11.84 -13.20
N TYR B 107 -12.30 -13.14 -13.34
CA TYR B 107 -13.63 -13.71 -13.22
C TYR B 107 -14.30 -13.43 -11.87
N VAL B 108 -13.50 -13.28 -10.81
CA VAL B 108 -14.05 -12.97 -9.48
C VAL B 108 -14.58 -11.53 -9.45
N ARG B 109 -13.78 -10.61 -9.97
CA ARG B 109 -14.20 -9.22 -10.10
C ARG B 109 -15.48 -9.11 -10.92
N GLU B 110 -15.54 -9.86 -12.02
CA GLU B 110 -16.68 -9.83 -12.92
C GLU B 110 -17.98 -10.36 -12.28
N LYS B 111 -17.87 -11.11 -11.19
CA LYS B 111 -19.06 -11.54 -10.43
C LYS B 111 -19.75 -10.40 -9.68
N GLN B 112 -19.06 -9.29 -9.45
CA GLN B 112 -19.66 -8.13 -8.78
C GLN B 112 -20.31 -8.52 -7.44
N LEU B 113 -19.57 -9.27 -6.62
CA LEU B 113 -20.12 -9.76 -5.36
C LEU B 113 -20.32 -8.66 -4.32
N ALA B 114 -21.47 -8.69 -3.65
CA ALA B 114 -21.77 -7.80 -2.54
C ALA B 114 -21.42 -8.45 -1.19
N GLU B 115 -20.98 -9.71 -1.24
CA GLU B 115 -20.48 -10.39 -0.07
C GLU B 115 -19.63 -11.57 -0.51
N TYR B 116 -18.65 -11.90 0.32
CA TYR B 116 -17.79 -13.05 0.05
C TYR B 116 -17.23 -13.54 1.37
N SER B 117 -17.13 -14.86 1.54
CA SER B 117 -16.50 -15.42 2.72
C SER B 117 -15.66 -16.63 2.34
N VAL B 118 -14.59 -16.85 3.10
CA VAL B 118 -13.69 -17.96 2.88
C VAL B 118 -13.04 -18.30 4.21
N THR B 119 -12.75 -19.58 4.41
CA THR B 119 -11.99 -20.03 5.57
C THR B 119 -10.64 -20.51 5.07
N SER B 120 -9.57 -19.97 5.65
CA SER B 120 -8.23 -20.31 5.24
C SER B 120 -7.92 -21.74 5.63
N ALA B 121 -6.87 -22.28 5.02
CA ALA B 121 -6.43 -23.64 5.31
C ALA B 121 -6.06 -23.85 6.78
N ILE B 122 -5.63 -22.81 7.47
CA ILE B 122 -5.32 -22.95 8.90
C ILE B 122 -6.47 -22.56 9.84
N GLY B 123 -7.64 -22.31 9.26
CA GLY B 123 -8.89 -22.22 10.03
C GLY B 123 -9.44 -20.83 10.32
N THR B 124 -8.89 -19.81 9.67
CA THR B 124 -9.37 -18.45 9.89
C THR B 124 -10.43 -18.10 8.87
N LYS B 125 -11.60 -17.68 9.36
CA LYS B 125 -12.68 -17.25 8.48
C LYS B 125 -12.60 -15.73 8.27
N VAL B 126 -12.77 -15.32 7.00
CA VAL B 126 -12.82 -13.91 6.64
C VAL B 126 -14.06 -13.68 5.79
N GLU B 127 -14.84 -12.66 6.16
CA GLU B 127 -16.02 -12.26 5.42
C GLU B 127 -15.90 -10.79 5.04
N VAL B 128 -16.28 -10.47 3.82
CA VAL B 128 -16.54 -9.08 3.42
C VAL B 128 -18.03 -9.00 3.11
N VAL B 129 -18.74 -8.06 3.74
CA VAL B 129 -20.16 -7.89 3.52
C VAL B 129 -20.46 -6.42 3.33
N TYR B 130 -20.98 -6.06 2.16
CA TYR B 130 -21.39 -4.70 1.92
C TYR B 130 -22.69 -4.40 2.65
N THR B 131 -22.67 -3.36 3.48
CA THR B 131 -23.85 -2.87 4.21
C THR B 131 -24.55 -1.78 3.42
N VAL B 132 -23.81 -1.06 2.58
CA VAL B 132 -24.37 -0.19 1.57
C VAL B 132 -23.80 -0.69 0.25
N ALA B 133 -24.67 -1.31 -0.56
CA ALA B 133 -24.24 -2.08 -1.71
C ALA B 133 -24.63 -1.44 -3.04
N GLU B 134 -25.20 -0.24 -2.99
CA GLU B 134 -25.58 0.50 -4.18
C GLU B 134 -25.13 1.94 -4.08
N GLY B 135 -24.98 2.59 -5.23
CA GLY B 135 -24.62 4.00 -5.30
C GLY B 135 -23.12 4.23 -5.32
N ASN B 136 -22.72 5.48 -5.14
CA ASN B 136 -21.29 5.86 -5.22
C ASN B 136 -20.55 5.86 -3.90
N ASN B 137 -21.27 5.74 -2.79
CA ASN B 137 -20.66 5.79 -1.46
C ASN B 137 -20.96 4.48 -0.74
N LEU B 138 -20.17 3.47 -1.10
CA LEU B 138 -20.39 2.12 -0.66
C LEU B 138 -19.73 1.87 0.68
N GLU B 139 -20.27 0.91 1.44
CA GLU B 139 -19.76 0.62 2.78
C GLU B 139 -19.77 -0.90 3.00
N ALA B 140 -18.72 -1.42 3.63
CA ALA B 140 -18.62 -2.84 3.90
C ALA B 140 -17.90 -3.13 5.20
N ASN B 141 -18.29 -4.25 5.81
CA ASN B 141 -17.59 -4.80 6.96
C ASN B 141 -16.63 -5.88 6.52
N VAL B 142 -15.46 -5.91 7.15
CA VAL B 142 -14.49 -6.98 7.01
C VAL B 142 -14.44 -7.69 8.36
N ILE B 143 -14.77 -8.97 8.38
CA ILE B 143 -14.94 -9.70 9.64
C ILE B 143 -14.00 -10.89 9.70
N PHE B 144 -13.14 -10.90 10.70
CA PHE B 144 -12.24 -12.03 10.96
C PHE B 144 -12.84 -12.86 12.10
N SER B 145 -12.87 -14.18 11.92
CA SER B 145 -13.41 -15.08 12.95
C SER B 145 -12.81 -16.47 12.85
S SO4 C . 22.05 -12.75 3.24
O1 SO4 C . 21.03 -12.05 2.45
O2 SO4 C . 21.89 -12.48 4.67
O3 SO4 C . 21.90 -14.18 3.00
O4 SO4 C . 23.40 -12.33 2.85
S SO4 D . 28.54 4.19 1.99
O1 SO4 D . 27.82 4.14 0.71
O2 SO4 D . 27.62 4.19 3.11
O3 SO4 D . 29.40 3.00 2.10
O4 SO4 D . 29.35 5.40 2.03
S SO4 E . 19.88 -5.44 -9.92
O1 SO4 E . 18.62 -5.43 -10.67
O2 SO4 E . 19.63 -5.80 -8.53
O3 SO4 E . 20.79 -6.42 -10.52
O4 SO4 E . 20.49 -4.11 -9.98
C1 EDO F . 15.73 -5.89 10.81
O1 EDO F . 14.31 -6.12 10.80
C2 EDO F . 16.12 -5.01 12.00
O2 EDO F . 15.36 -5.37 13.16
C1 EDO G . 19.59 -0.04 -15.87
O1 EDO G . 18.25 -0.52 -15.71
C2 EDO G . 20.34 -0.13 -14.54
O2 EDO G . 20.25 -1.45 -14.01
C1 EDO H . 20.63 -7.20 -4.10
O1 EDO H . 19.57 -7.69 -4.93
C2 EDO H . 20.30 -7.48 -2.64
O2 EDO H . 21.38 -8.11 -1.93
S SO4 I . -27.31 -5.91 -8.01
O1 SO4 I . -27.56 -4.75 -8.84
O2 SO4 I . -27.11 -5.46 -6.64
O3 SO4 I . -28.46 -6.81 -8.04
O4 SO4 I . -26.12 -6.60 -8.50
S SO4 J . -1.32 -13.80 19.94
O1 SO4 J . -2.64 -13.84 20.57
O2 SO4 J . -1.41 -14.32 18.58
O3 SO4 J . -0.86 -12.41 19.91
O4 SO4 J . -0.38 -14.60 20.72
#